data_6ZC2
#
_entry.id   6ZC2
#
_cell.length_a   88.338
_cell.length_b   48.112
_cell.length_c   40.422
_cell.angle_alpha   90.000
_cell.angle_beta   110.160
_cell.angle_gamma   90.000
#
_symmetry.space_group_name_H-M   'C 1 2 1'
#
loop_
_entity.id
_entity.type
_entity.pdbx_description
1 polymer 'RahU protein'
2 non-polymer 2-AMINO-2-HYDROXYMETHYL-PROPANE-1,3-DIOL
3 non-polymer 1,2-ETHANEDIOL
4 water water
#
_entity_poly.entity_id   1
_entity_poly.type   'polypeptide(L)'
_entity_poly.pdbx_seq_one_letter_code
;MAYAEWIAVKVVVSKSIGTVGIRNATLQWGKFYRYTNKDDEISTEEVSSMNVQAGSPQWIASCGRENASSGTQGSFDCYD
GNTKMGTFSWDDPWKSGATNTWSFTPASADYAGITSGGNATGTDIGEVTLTLGRFSENLYF
;
_entity_poly.pdbx_strand_id   A
#
# COMPACT_ATOMS: atom_id res chain seq x y z
N ALA A 2 -14.05 4.85 10.20
CA ALA A 2 -15.20 4.86 9.31
C ALA A 2 -14.72 4.62 7.87
N TYR A 3 -15.67 4.38 6.98
CA TYR A 3 -15.35 4.22 5.56
C TYR A 3 -14.70 5.48 4.97
N ALA A 4 -14.95 6.65 5.55
CA ALA A 4 -14.41 7.90 5.01
C ALA A 4 -12.89 8.00 5.14
N GLU A 5 -12.27 7.22 6.03
CA GLU A 5 -10.82 7.14 6.10
C GLU A 5 -10.38 5.96 5.23
N TRP A 6 -9.70 6.25 4.12
CA TRP A 6 -9.30 5.19 3.20
C TRP A 6 -8.05 5.58 2.43
N ILE A 7 -7.32 4.56 1.98
CA ILE A 7 -6.19 4.66 1.08
C ILE A 7 -6.34 3.57 0.01
N ALA A 8 -5.88 3.86 -1.21
CA ALA A 8 -5.79 2.84 -2.25
C ALA A 8 -4.44 3.01 -2.92
N VAL A 9 -3.62 1.97 -2.89
CA VAL A 9 -2.24 2.02 -3.39
C VAL A 9 -2.18 1.28 -4.73
N LYS A 10 -1.84 2.01 -5.79
CA LYS A 10 -1.67 1.43 -7.13
C LYS A 10 -0.24 0.92 -7.23
N VAL A 11 -0.06 -0.39 -7.31
CA VAL A 11 1.27 -1.01 -7.37
C VAL A 11 1.68 -1.13 -8.83
N VAL A 12 2.67 -0.35 -9.24
CA VAL A 12 3.17 -0.28 -10.61
C VAL A 12 4.56 -0.94 -10.63
N VAL A 13 4.67 -2.06 -11.31
CA VAL A 13 5.91 -2.84 -11.38
C VAL A 13 6.63 -2.52 -12.68
N SER A 14 7.90 -2.13 -12.57
CA SER A 14 8.69 -1.86 -13.76
CA SER A 14 8.68 -1.86 -13.76
C SER A 14 9.12 -3.16 -14.43
N LYS A 15 9.36 -3.08 -15.73
CA LYS A 15 9.97 -4.20 -16.41
C LYS A 15 11.38 -4.50 -15.88
N SER A 16 11.98 -3.60 -15.10
CA SER A 16 13.25 -3.96 -14.46
C SER A 16 13.09 -5.05 -13.40
N ILE A 17 11.85 -5.37 -12.99
CA ILE A 17 11.58 -6.40 -11.99
C ILE A 17 10.73 -7.53 -12.54
N GLY A 18 9.69 -7.21 -13.32
CA GLY A 18 8.84 -8.23 -13.91
C GLY A 18 7.65 -8.67 -13.07
N THR A 19 7.92 -9.21 -11.87
CA THR A 19 6.89 -9.64 -10.94
C THR A 19 7.28 -9.19 -9.53
N VAL A 20 6.32 -8.64 -8.78
CA VAL A 20 6.50 -8.30 -7.38
C VAL A 20 5.52 -9.12 -6.53
N GLY A 21 6.04 -9.81 -5.52
CA GLY A 21 5.19 -10.46 -4.54
C GLY A 21 4.84 -9.50 -3.41
N ILE A 22 3.54 -9.38 -3.13
CA ILE A 22 3.04 -8.63 -1.98
C ILE A 22 2.95 -9.61 -0.82
N ARG A 23 3.69 -9.36 0.26
CA ARG A 23 3.77 -10.30 1.38
C ARG A 23 3.65 -9.53 2.70
N ASN A 24 3.34 -10.27 3.77
CA ASN A 24 3.48 -9.74 5.12
C ASN A 24 2.58 -8.54 5.38
N ALA A 25 1.38 -8.55 4.80
CA ALA A 25 0.45 -7.44 5.01
C ALA A 25 -0.06 -7.48 6.45
N THR A 26 -0.20 -6.29 7.06
CA THR A 26 -0.62 -6.17 8.43
CA THR A 26 -0.66 -6.19 8.43
C THR A 26 -1.49 -4.92 8.59
N LEU A 27 -2.43 -4.97 9.52
CA LEU A 27 -3.27 -3.83 9.85
C LEU A 27 -3.26 -3.63 11.36
N GLN A 28 -2.97 -2.41 11.79
CA GLN A 28 -3.22 -2.02 13.17
C GLN A 28 -4.66 -1.57 13.35
N TRP A 29 -5.24 -0.93 12.32
CA TRP A 29 -6.62 -0.45 12.33
C TRP A 29 -7.19 -0.58 10.93
N GLY A 30 -8.47 -0.95 10.84
CA GLY A 30 -9.17 -0.97 9.57
C GLY A 30 -9.25 -2.36 8.96
N LYS A 31 -9.58 -2.38 7.67
CA LYS A 31 -9.72 -3.62 6.89
CA LYS A 31 -9.63 -3.63 6.92
C LYS A 31 -9.17 -3.39 5.50
N PHE A 32 -8.84 -4.48 4.80
CA PHE A 32 -8.55 -4.43 3.38
C PHE A 32 -9.85 -4.69 2.61
N TYR A 33 -9.96 -4.09 1.42
CA TYR A 33 -11.15 -4.29 0.60
C TYR A 33 -10.77 -4.34 -0.88
N ARG A 34 -11.67 -4.93 -1.67
CA ARG A 34 -11.48 -5.07 -3.12
C ARG A 34 -11.86 -3.75 -3.77
N TYR A 35 -10.85 -2.94 -4.10
CA TYR A 35 -11.10 -1.61 -4.64
C TYR A 35 -12.04 -1.72 -5.85
N THR A 36 -13.12 -0.94 -5.89
CA THR A 36 -13.43 0.23 -5.08
C THR A 36 -14.54 0.02 -4.04
N ASN A 37 -14.90 -1.24 -3.77
CA ASN A 37 -16.07 -1.58 -2.95
C ASN A 37 -15.67 -1.85 -1.50
N LYS A 38 -15.91 -0.87 -0.62
CA LYS A 38 -15.51 -0.99 0.78
C LYS A 38 -16.26 -2.09 1.54
N ASP A 39 -17.40 -2.57 1.02
CA ASP A 39 -18.09 -3.70 1.65
C ASP A 39 -17.47 -5.04 1.31
N ASP A 40 -16.61 -5.12 0.29
CA ASP A 40 -16.04 -6.40 -0.16
C ASP A 40 -14.70 -6.60 0.54
N GLU A 41 -14.75 -7.13 1.75
CA GLU A 41 -13.53 -7.28 2.55
C GLU A 41 -12.65 -8.39 2.01
N ILE A 42 -11.34 -8.14 1.98
CA ILE A 42 -10.32 -9.11 1.57
C ILE A 42 -9.45 -9.39 2.79
N SER A 43 -9.11 -10.66 3.01
CA SER A 43 -8.32 -11.02 4.18
C SER A 43 -6.87 -10.56 4.02
N THR A 44 -6.20 -10.40 5.16
CA THR A 44 -4.77 -10.11 5.12
CA THR A 44 -4.77 -10.13 5.15
C THR A 44 -4.00 -11.23 4.42
N GLU A 45 -4.44 -12.48 4.57
CA GLU A 45 -3.79 -13.59 3.90
C GLU A 45 -3.89 -13.46 2.38
N GLU A 46 -5.05 -13.04 1.87
CA GLU A 46 -5.21 -12.88 0.43
C GLU A 46 -4.35 -11.75 -0.11
N VAL A 47 -4.32 -10.61 0.58
CA VAL A 47 -3.44 -9.52 0.16
C VAL A 47 -1.99 -10.01 0.12
N SER A 48 -1.59 -10.80 1.12
CA SER A 48 -0.23 -11.32 1.27
C SER A 48 0.10 -12.47 0.30
N SER A 49 -0.82 -12.77 -0.62
CA SER A 49 -0.62 -13.77 -1.65
CA SER A 49 -0.59 -13.77 -1.66
C SER A 49 -0.56 -13.16 -3.06
N MET A 50 -0.74 -11.85 -3.18
CA MET A 50 -0.81 -11.20 -4.49
C MET A 50 0.56 -11.19 -5.18
N ASN A 51 0.56 -11.45 -6.49
CA ASN A 51 1.71 -11.24 -7.36
C ASN A 51 1.30 -10.22 -8.42
N VAL A 52 2.05 -9.12 -8.52
CA VAL A 52 1.74 -8.03 -9.46
C VAL A 52 2.74 -8.07 -10.60
N GLN A 53 2.23 -8.04 -11.84
CA GLN A 53 3.05 -8.16 -13.04
C GLN A 53 3.28 -6.81 -13.71
N ALA A 54 4.50 -6.62 -14.23
CA ALA A 54 4.80 -5.44 -15.01
C ALA A 54 3.79 -5.25 -16.13
N GLY A 55 3.29 -4.02 -16.28
CA GLY A 55 2.32 -3.69 -17.30
C GLY A 55 0.88 -3.80 -16.87
N SER A 56 0.59 -4.47 -15.74
CA SER A 56 -0.78 -4.66 -15.26
CA SER A 56 -0.77 -4.68 -15.26
C SER A 56 -0.88 -4.31 -13.78
N PRO A 57 -0.90 -3.02 -13.46
CA PRO A 57 -0.98 -2.61 -12.05
C PRO A 57 -2.21 -3.19 -11.35
N GLN A 58 -2.03 -3.45 -10.05
CA GLN A 58 -3.11 -3.88 -9.16
C GLN A 58 -3.16 -2.93 -7.96
N TRP A 59 -4.31 -2.87 -7.31
CA TRP A 59 -4.54 -1.94 -6.20
C TRP A 59 -4.70 -2.68 -4.88
N ILE A 60 -4.07 -2.15 -3.83
CA ILE A 60 -4.26 -2.59 -2.45
C ILE A 60 -4.97 -1.46 -1.72
N ALA A 61 -6.18 -1.71 -1.23
CA ALA A 61 -7.01 -0.67 -0.66
C ALA A 61 -7.41 -1.04 0.77
N SER A 62 -7.46 -0.03 1.64
CA SER A 62 -7.81 -0.23 3.04
C SER A 62 -8.63 0.96 3.53
N CYS A 63 -9.61 0.68 4.39
CA CYS A 63 -10.44 1.75 4.97
C CYS A 63 -10.70 1.42 6.43
N GLY A 64 -11.19 2.42 7.16
CA GLY A 64 -11.64 2.19 8.51
C GLY A 64 -12.86 1.27 8.54
N ARG A 65 -13.03 0.60 9.67
CA ARG A 65 -14.22 -0.25 9.80
C ARG A 65 -15.47 0.61 9.84
N GLU A 66 -16.58 0.06 9.33
CA GLU A 66 -17.76 0.86 9.09
C GLU A 66 -18.28 1.46 10.39
N ASN A 67 -18.57 2.77 10.37
CA ASN A 67 -19.11 3.52 11.49
C ASN A 67 -18.19 3.55 12.72
N ALA A 68 -16.93 3.15 12.58
CA ALA A 68 -16.01 3.17 13.70
C ALA A 68 -15.31 4.53 13.81
N SER A 69 -15.05 4.95 15.04
CA SER A 69 -14.30 6.19 15.28
CA SER A 69 -14.30 6.19 15.28
C SER A 69 -12.81 5.92 15.22
N SER A 70 -12.37 5.22 14.19
CA SER A 70 -10.98 4.90 13.93
C SER A 70 -10.81 4.78 12.42
N GLY A 71 -9.58 4.97 11.95
CA GLY A 71 -9.27 4.99 10.54
C GLY A 71 -8.59 3.72 10.08
N THR A 72 -7.58 3.89 9.20
CA THR A 72 -6.82 2.76 8.70
C THR A 72 -5.32 3.02 8.89
N GLN A 73 -4.60 1.99 9.33
CA GLN A 73 -3.16 2.05 9.54
C GLN A 73 -2.60 0.65 9.35
N GLY A 74 -1.57 0.51 8.52
CA GLY A 74 -1.04 -0.81 8.24
C GLY A 74 0.17 -0.74 7.32
N SER A 75 0.54 -1.91 6.80
CA SER A 75 1.71 -2.00 5.93
C SER A 75 1.64 -3.27 5.08
N PHE A 76 2.47 -3.31 4.04
CA PHE A 76 2.75 -4.52 3.29
C PHE A 76 4.19 -4.47 2.77
N ASP A 77 4.78 -5.64 2.55
CA ASP A 77 6.11 -5.76 1.99
C ASP A 77 6.05 -6.09 0.50
N CYS A 78 7.08 -5.66 -0.23
CA CYS A 78 7.27 -5.97 -1.64
C CYS A 78 8.53 -6.82 -1.78
N TYR A 79 8.41 -7.94 -2.52
CA TYR A 79 9.50 -8.89 -2.75
C TYR A 79 9.75 -9.11 -4.24
N ASP A 80 11.03 -9.23 -4.60
CA ASP A 80 11.47 -9.66 -5.93
C ASP A 80 11.97 -11.10 -5.76
N GLY A 81 11.10 -12.07 -6.02
CA GLY A 81 11.45 -13.44 -5.65
C GLY A 81 11.71 -13.53 -4.16
N ASN A 82 12.85 -14.13 -3.78
CA ASN A 82 13.24 -14.27 -2.38
C ASN A 82 13.79 -12.98 -1.76
N THR A 83 14.03 -11.93 -2.54
CA THR A 83 14.75 -10.74 -2.08
C THR A 83 13.78 -9.63 -1.68
N LYS A 84 13.88 -9.15 -0.44
CA LYS A 84 13.03 -8.05 0.00
C LYS A 84 13.38 -6.77 -0.74
N MET A 85 12.35 -6.09 -1.25
CA MET A 85 12.51 -4.78 -1.88
C MET A 85 12.28 -3.64 -0.91
N GLY A 86 11.29 -3.76 -0.04
CA GLY A 86 10.97 -2.73 0.94
C GLY A 86 9.56 -2.89 1.47
N THR A 87 9.13 -1.88 2.23
CA THR A 87 7.87 -1.89 2.96
C THR A 87 7.09 -0.60 2.70
N PHE A 88 5.82 -0.73 2.33
CA PHE A 88 4.91 0.40 2.24
C PHE A 88 4.04 0.47 3.49
N SER A 89 3.95 1.64 4.13
CA SER A 89 3.20 1.83 5.36
CA SER A 89 3.17 1.81 5.34
C SER A 89 2.36 3.11 5.25
N TRP A 90 1.25 3.16 6.02
CA TRP A 90 0.39 4.34 6.01
C TRP A 90 -0.34 4.48 7.34
N ASP A 91 -0.82 5.69 7.59
CA ASP A 91 -1.62 6.01 8.77
C ASP A 91 -2.60 7.10 8.40
N ASP A 92 -3.90 6.80 8.49
CA ASP A 92 -5.00 7.71 8.15
C ASP A 92 -5.93 7.75 9.36
N PRO A 93 -5.69 8.65 10.31
CA PRO A 93 -6.49 8.66 11.54
C PRO A 93 -7.89 9.22 11.33
N TRP A 94 -8.78 8.87 12.26
CA TRP A 94 -10.15 9.37 12.25
C TRP A 94 -10.25 10.73 12.92
N LYS A 95 -9.56 10.93 14.04
CA LYS A 95 -9.69 12.16 14.80
C LYS A 95 -9.16 13.35 14.01
N SER A 96 -9.76 14.52 14.24
CA SER A 96 -9.34 15.71 13.53
C SER A 96 -8.06 16.26 14.14
N GLY A 97 -7.41 17.15 13.39
CA GLY A 97 -6.22 17.82 13.88
C GLY A 97 -4.93 17.04 13.72
N ALA A 98 -4.93 15.97 12.93
CA ALA A 98 -3.73 15.18 12.69
C ALA A 98 -3.41 15.15 11.21
N THR A 99 -2.19 14.73 10.90
CA THR A 99 -1.71 14.63 9.53
CA THR A 99 -1.72 14.63 9.53
C THR A 99 -1.64 13.17 9.12
N ASN A 100 -2.11 12.88 7.90
CA ASN A 100 -1.98 11.54 7.36
C ASN A 100 -0.55 11.34 6.86
N THR A 101 -0.04 10.12 6.98
CA THR A 101 1.30 9.80 6.54
C THR A 101 1.32 8.50 5.76
N TRP A 102 2.31 8.39 4.86
CA TRP A 102 2.55 7.16 4.12
C TRP A 102 3.98 7.19 3.59
N SER A 103 4.54 6.01 3.34
CA SER A 103 5.92 5.94 2.88
C SER A 103 6.23 4.56 2.33
N PHE A 104 7.18 4.53 1.39
CA PHE A 104 7.89 3.31 1.03
C PHE A 104 9.30 3.41 1.59
N THR A 105 9.74 2.35 2.28
CA THR A 105 11.11 2.31 2.81
C THR A 105 11.86 1.19 2.09
N PRO A 106 12.88 1.49 1.31
CA PRO A 106 13.60 0.44 0.57
C PRO A 106 14.50 -0.37 1.49
N ALA A 107 14.59 -1.67 1.20
CA ALA A 107 15.46 -2.56 1.97
C ALA A 107 16.93 -2.33 1.66
N SER A 108 17.24 -1.83 0.47
CA SER A 108 18.60 -1.51 0.04
C SER A 108 18.48 -0.61 -1.17
N ALA A 109 19.62 -0.11 -1.65
CA ALA A 109 19.61 0.73 -2.83
C ALA A 109 19.40 -0.06 -4.12
N ASP A 110 19.24 -1.38 -4.05
CA ASP A 110 18.95 -2.15 -5.25
C ASP A 110 17.53 -1.95 -5.75
N TYR A 111 16.62 -1.43 -4.93
CA TYR A 111 15.24 -1.22 -5.31
C TYR A 111 14.77 0.14 -4.83
N ALA A 112 13.86 0.74 -5.58
CA ALA A 112 13.20 1.98 -5.16
C ALA A 112 11.71 1.87 -5.40
N GLY A 113 10.95 2.55 -4.53
CA GLY A 113 9.51 2.68 -4.66
C GLY A 113 9.13 4.14 -4.51
N ILE A 114 8.83 4.79 -5.64
CA ILE A 114 8.56 6.21 -5.68
C ILE A 114 7.05 6.42 -5.61
N THR A 115 6.61 7.30 -4.71
CA THR A 115 5.19 7.53 -4.50
C THR A 115 4.74 8.83 -5.14
N SER A 116 3.49 8.85 -5.59
CA SER A 116 2.86 10.04 -6.13
CA SER A 116 2.86 10.06 -6.09
C SER A 116 1.41 10.07 -5.67
N GLY A 117 0.89 11.28 -5.43
CA GLY A 117 -0.48 11.43 -4.98
C GLY A 117 -0.62 11.26 -3.46
N GLY A 118 -1.85 11.44 -3.00
CA GLY A 118 -2.22 11.26 -1.61
C GLY A 118 -2.49 12.58 -0.91
N ASN A 119 -3.46 12.58 0.00
CA ASN A 119 -3.88 13.78 0.73
C ASN A 119 -3.27 13.75 2.13
N ALA A 120 -2.40 14.72 2.42
CA ALA A 120 -1.77 14.78 3.74
C ALA A 120 -2.73 15.29 4.81
N THR A 121 -3.75 16.06 4.45
CA THR A 121 -4.68 16.58 5.44
C THR A 121 -6.13 16.23 5.18
N GLY A 122 -6.43 15.43 4.17
CA GLY A 122 -7.81 15.06 3.92
C GLY A 122 -8.34 14.09 4.95
N THR A 123 -9.66 13.97 5.00
CA THR A 123 -10.26 12.87 5.74
C THR A 123 -9.64 11.54 5.32
N ASP A 124 -9.47 11.35 4.02
CA ASP A 124 -8.84 10.17 3.44
C ASP A 124 -7.50 10.53 2.83
N ILE A 125 -6.57 9.56 2.83
CA ILE A 125 -5.37 9.66 2.01
C ILE A 125 -5.74 9.60 0.54
N GLY A 126 -6.64 8.69 0.18
CA GLY A 126 -7.03 8.53 -1.22
C GLY A 126 -6.05 7.68 -2.00
N GLU A 127 -5.98 7.94 -3.31
CA GLU A 127 -5.16 7.15 -4.22
C GLU A 127 -3.71 7.59 -4.18
N VAL A 128 -2.81 6.62 -3.97
CA VAL A 128 -1.37 6.83 -4.02
C VAL A 128 -0.81 5.82 -5.01
N THR A 129 0.06 6.28 -5.91
CA THR A 129 0.73 5.39 -6.85
C THR A 129 2.12 5.04 -6.32
N LEU A 130 2.48 3.76 -6.37
CA LEU A 130 3.76 3.25 -5.90
C LEU A 130 4.47 2.60 -7.09
N THR A 131 5.52 3.25 -7.60
CA THR A 131 6.22 2.77 -8.79
C THR A 131 7.54 2.12 -8.37
N LEU A 132 7.67 0.82 -8.66
CA LEU A 132 8.75 -0.02 -8.14
C LEU A 132 9.70 -0.43 -9.25
N GLY A 133 11.01 -0.27 -8.99
CA GLY A 133 12.02 -0.69 -9.94
C GLY A 133 13.30 -1.18 -9.27
N ARG A 134 14.15 -1.78 -10.10
CA ARG A 134 15.47 -2.27 -9.71
CA ARG A 134 15.47 -2.26 -9.70
C ARG A 134 16.52 -1.31 -10.26
N PHE A 135 17.51 -0.96 -9.43
CA PHE A 135 18.44 0.11 -9.75
C PHE A 135 19.89 -0.27 -9.46
N SER A 136 20.79 0.42 -10.16
CA SER A 136 22.23 0.31 -9.95
CA SER A 136 22.23 0.31 -9.94
C SER A 136 22.83 1.70 -9.86
N GLU A 137 23.91 1.83 -9.11
CA GLU A 137 24.50 3.15 -8.90
C GLU A 137 25.15 3.66 -10.18
N ASN A 138 25.05 4.96 -10.40
CA ASN A 138 25.67 5.61 -11.55
C ASN A 138 27.19 5.67 -11.40
#